data_4B97
#
_entry.id   4B97
#
_cell.length_a   34.479
_cell.length_b   56.043
_cell.length_c   64.594
_cell.angle_alpha   90.00
_cell.angle_beta   90.00
_cell.angle_gamma   90.00
#
_symmetry.space_group_name_H-M   'P 21 21 21'
#
loop_
_entity.id
_entity.type
_entity.pdbx_description
1 polymer 'CELLULOSE BINDING DOMAIN-CONTAINING PROTEIN'
2 non-polymer 'CALCIUM ION'
3 water water
#
_entity_poly.entity_id   1
_entity_poly.type   'polypeptide(L)'
_entity_poly.pdbx_seq_one_letter_code
;MGSVKVRFYNNNTLSETGVIYMRINVINTGNAPLDLSDLKLRYYYTIDSESEQRFNCDWSSIGAHNVTGSFGKVNPSRNG
ADTYVEIGFTKEAGMLQPGESVELNARFSKTDNTQYNKADDYSFNSHYYEYVDWDRITAYISGILKWGREP
;
_entity_poly.pdbx_strand_id   A
#
loop_
_chem_comp.id
_chem_comp.type
_chem_comp.name
_chem_comp.formula
CA non-polymer 'CALCIUM ION' 'Ca 2'
#
# COMPACT_ATOMS: atom_id res chain seq x y z
N MET A 1 1.83 4.82 18.47
CA MET A 1 1.72 6.25 18.10
C MET A 1 0.30 6.78 17.62
N GLY A 2 -0.70 5.89 17.48
CA GLY A 2 -2.11 6.27 17.23
C GLY A 2 -2.98 5.07 16.83
N SER A 3 -3.99 5.29 15.98
CA SER A 3 -4.77 4.18 15.42
C SER A 3 -5.28 4.50 14.03
N VAL A 4 -5.22 3.53 13.11
CA VAL A 4 -5.66 3.73 11.73
C VAL A 4 -6.34 2.47 11.20
N LYS A 5 -7.10 2.65 10.13
CA LYS A 5 -7.64 1.53 9.39
C LYS A 5 -7.37 1.75 7.93
N VAL A 6 -7.01 0.67 7.23
CA VAL A 6 -6.74 0.75 5.81
C VAL A 6 -7.92 0.19 5.04
N ARG A 7 -8.41 0.98 4.08
N ARG A 7 -8.41 0.99 4.09
CA ARG A 7 -9.42 0.53 3.15
CA ARG A 7 -9.40 0.50 3.14
C ARG A 7 -8.79 0.45 1.76
C ARG A 7 -8.77 0.43 1.76
N PHE A 8 -9.17 -0.58 1.00
CA PHE A 8 -8.55 -0.85 -0.30
C PHE A 8 -9.67 -0.92 -1.35
N TYR A 9 -9.42 -0.29 -2.47
CA TYR A 9 -10.34 -0.31 -3.59
C TYR A 9 -9.59 -0.98 -4.72
N ASN A 10 -10.06 -2.15 -5.11
CA ASN A 10 -9.36 -2.94 -6.11
C ASN A 10 -9.97 -2.67 -7.49
N ASN A 11 -9.24 -1.97 -8.37
CA ASN A 11 -9.67 -1.81 -9.75
C ASN A 11 -8.77 -2.55 -10.74
N ASN A 12 -8.04 -3.53 -10.24
CA ASN A 12 -7.22 -4.39 -11.12
C ASN A 12 -8.03 -5.42 -11.92
N THR A 13 -7.51 -5.85 -13.07
CA THR A 13 -7.99 -7.07 -13.72
C THR A 13 -7.30 -8.34 -13.17
N LEU A 14 -7.86 -9.52 -13.46
CA LEU A 14 -7.25 -10.79 -13.04
C LEU A 14 -6.20 -11.22 -14.04
N SER A 15 -6.36 -10.78 -15.28
CA SER A 15 -5.44 -11.09 -16.36
C SER A 15 -4.03 -10.59 -16.03
N GLU A 16 -3.00 -11.24 -16.56
CA GLU A 16 -1.63 -10.80 -16.32
C GLU A 16 -1.49 -9.42 -16.93
N THR A 17 -0.92 -8.49 -16.19
CA THR A 17 -0.73 -7.15 -16.70
C THR A 17 0.62 -6.68 -16.22
N GLY A 18 1.08 -5.60 -16.81
CA GLY A 18 2.38 -5.08 -16.47
C GLY A 18 2.33 -4.18 -15.26
N VAL A 19 1.13 -3.87 -14.78
CA VAL A 19 0.94 -2.87 -13.72
C VAL A 19 0.00 -3.40 -12.64
N ILE A 20 0.39 -3.20 -11.39
CA ILE A 20 -0.51 -3.43 -10.26
C ILE A 20 -0.96 -2.09 -9.71
N TYR A 21 -2.26 -1.87 -9.64
CA TYR A 21 -2.84 -0.64 -9.11
C TYR A 21 -3.20 -0.79 -7.66
N MET A 22 -3.05 0.30 -6.91
CA MET A 22 -3.43 0.32 -5.51
C MET A 22 -4.19 1.61 -5.23
N ARG A 23 -5.44 1.50 -4.84
CA ARG A 23 -6.17 2.69 -4.42
C ARG A 23 -6.50 2.49 -2.96
N ILE A 24 -5.92 3.35 -2.13
CA ILE A 24 -5.91 3.11 -0.69
C ILE A 24 -6.43 4.36 0.03
N ASN A 25 -7.25 4.10 1.05
CA ASN A 25 -7.75 5.16 1.90
C ASN A 25 -7.43 4.77 3.34
N VAL A 26 -6.68 5.61 4.05
CA VAL A 26 -6.32 5.33 5.45
C VAL A 26 -7.00 6.35 6.34
N ILE A 27 -7.80 5.87 7.29
CA ILE A 27 -8.52 6.74 8.18
C ILE A 27 -7.91 6.72 9.57
N ASN A 28 -7.80 7.90 10.19
CA ASN A 28 -7.36 8.02 11.58
C ASN A 28 -8.53 7.68 12.48
N THR A 29 -8.47 6.50 13.09
CA THR A 29 -9.53 5.96 13.93
C THR A 29 -9.22 6.14 15.42
N GLY A 30 -8.11 6.80 15.74
CA GLY A 30 -7.72 6.95 17.13
C GLY A 30 -8.10 8.29 17.69
N ASN A 31 -7.48 8.64 18.82
CA ASN A 31 -7.75 9.90 19.52
C ASN A 31 -6.64 10.92 19.38
N ALA A 32 -5.58 10.57 18.67
CA ALA A 32 -4.38 11.38 18.56
C ALA A 32 -4.26 11.84 17.12
N PRO A 33 -3.74 13.04 16.90
CA PRO A 33 -3.37 13.44 15.53
C PRO A 33 -2.25 12.56 15.06
N LEU A 34 -2.17 12.38 13.75
CA LEU A 34 -1.13 11.58 13.14
C LEU A 34 -0.39 12.46 12.13
N ASP A 35 0.93 12.50 12.20
CA ASP A 35 1.73 13.11 11.11
C ASP A 35 1.92 12.04 10.03
N LEU A 36 1.48 12.34 8.81
CA LEU A 36 1.53 11.34 7.76
C LEU A 36 2.96 10.87 7.48
N SER A 37 3.97 11.70 7.74
CA SER A 37 5.33 11.24 7.54
C SER A 37 5.68 10.05 8.39
N ASP A 38 4.96 9.84 9.49
CA ASP A 38 5.19 8.66 10.34
C ASP A 38 4.49 7.40 9.85
N LEU A 39 3.63 7.52 8.83
CA LEU A 39 2.79 6.40 8.39
C LEU A 39 3.39 5.66 7.20
N LYS A 40 3.51 4.34 7.31
N LYS A 40 3.38 4.33 7.26
CA LYS A 40 3.98 3.47 6.21
CA LYS A 40 3.86 3.53 6.15
C LYS A 40 2.89 2.43 5.96
C LYS A 40 3.00 2.31 5.95
N LEU A 41 2.72 2.03 4.69
CA LEU A 41 1.80 0.95 4.35
C LEU A 41 2.58 -0.08 3.54
N ARG A 42 2.24 -1.36 3.66
CA ARG A 42 2.89 -2.38 2.86
C ARG A 42 1.88 -3.25 2.15
N TYR A 43 2.12 -3.46 0.86
CA TYR A 43 1.33 -4.32 0.00
C TYR A 43 2.27 -5.46 -0.43
N TYR A 44 1.88 -6.69 -0.11
CA TYR A 44 2.73 -7.86 -0.27
C TYR A 44 2.32 -8.71 -1.47
N TYR A 45 3.30 -9.25 -2.21
CA TYR A 45 2.96 -9.94 -3.44
C TYR A 45 4.10 -10.83 -3.88
N THR A 46 3.88 -11.63 -4.93
CA THR A 46 4.96 -12.35 -5.59
C THR A 46 5.28 -11.60 -6.85
N ILE A 47 6.55 -11.30 -7.02
CA ILE A 47 6.99 -10.51 -8.17
C ILE A 47 6.84 -11.26 -9.50
N ASP A 48 6.87 -12.60 -9.46
CA ASP A 48 6.61 -13.48 -10.59
C ASP A 48 7.73 -13.64 -11.62
N SER A 49 8.41 -12.56 -11.98
CA SER A 49 9.65 -12.67 -12.73
C SER A 49 10.48 -11.53 -12.17
N GLU A 50 11.78 -11.68 -12.15
CA GLU A 50 12.65 -10.73 -11.51
C GLU A 50 12.99 -9.58 -12.41
N SER A 51 12.78 -8.38 -11.88
CA SER A 51 13.07 -7.16 -12.61
C SER A 51 13.16 -6.04 -11.63
N GLU A 52 13.90 -5.01 -11.99
CA GLU A 52 13.78 -3.74 -11.29
C GLU A 52 12.33 -3.29 -11.36
N GLN A 53 11.86 -2.55 -10.36
CA GLN A 53 10.47 -2.11 -10.35
C GLN A 53 10.43 -0.60 -10.18
N ARG A 54 9.31 -0.01 -10.57
CA ARG A 54 9.09 1.43 -10.44
C ARG A 54 7.73 1.67 -9.80
N PHE A 55 7.72 2.60 -8.86
CA PHE A 55 6.49 3.03 -8.18
C PHE A 55 6.05 4.39 -8.71
N ASN A 56 4.75 4.58 -8.88
CA ASN A 56 4.20 5.89 -9.20
C ASN A 56 2.97 6.15 -8.37
N CYS A 57 2.82 7.37 -7.89
CA CYS A 57 1.54 7.81 -7.33
C CYS A 57 0.95 8.81 -8.29
N ASP A 58 -0.22 8.51 -8.80
CA ASP A 58 -0.88 9.39 -9.80
C ASP A 58 -1.72 10.49 -9.16
N TRP A 59 -2.18 10.25 -7.94
CA TRP A 59 -3.05 11.22 -7.27
C TRP A 59 -3.03 10.94 -5.79
N SER A 60 -3.05 11.98 -4.97
CA SER A 60 -3.36 11.81 -3.55
C SER A 60 -4.09 13.03 -3.07
N SER A 61 -4.92 12.84 -2.03
CA SER A 61 -5.57 13.94 -1.38
C SER A 61 -4.57 14.93 -0.75
N ILE A 62 -3.33 14.49 -0.49
CA ILE A 62 -2.32 15.37 0.07
C ILE A 62 -1.26 15.73 -0.96
N GLY A 63 -1.52 15.41 -2.24
CA GLY A 63 -0.62 15.72 -3.33
C GLY A 63 0.21 14.49 -3.70
N ALA A 64 0.11 14.06 -4.95
CA ALA A 64 0.78 12.86 -5.41
C ALA A 64 2.27 12.89 -5.14
N HIS A 65 2.92 14.06 -5.23
CA HIS A 65 4.38 14.15 -5.07
C HIS A 65 4.77 14.00 -3.60
N ASN A 66 3.81 13.98 -2.69
CA ASN A 66 4.06 13.79 -1.26
C ASN A 66 3.91 12.33 -0.82
N VAL A 67 3.71 11.46 -1.80
CA VAL A 67 3.63 10.02 -1.53
C VAL A 67 4.90 9.35 -2.02
N THR A 68 5.49 8.51 -1.19
CA THR A 68 6.74 7.86 -1.54
C THR A 68 6.53 6.37 -1.70
N GLY A 69 7.38 5.74 -2.47
CA GLY A 69 7.35 4.29 -2.60
C GLY A 69 8.74 3.70 -2.57
N SER A 70 8.86 2.53 -1.98
N SER A 70 8.85 2.57 -1.88
CA SER A 70 10.11 1.79 -2.04
CA SER A 70 10.09 1.78 -1.77
C SER A 70 9.75 0.32 -1.95
C SER A 70 9.73 0.30 -1.93
N PHE A 71 10.74 -0.55 -2.09
CA PHE A 71 10.50 -1.97 -2.17
C PHE A 71 11.31 -2.74 -1.16
N GLY A 72 10.79 -3.90 -0.76
CA GLY A 72 11.55 -4.78 0.09
C GLY A 72 11.28 -6.23 -0.25
N LYS A 73 12.18 -7.10 0.19
CA LYS A 73 12.00 -8.54 0.03
C LYS A 73 11.45 -9.14 1.30
N VAL A 74 10.60 -10.13 1.15
CA VAL A 74 10.15 -10.93 2.28
C VAL A 74 11.03 -12.14 2.34
N ASN A 75 11.72 -12.29 3.46
CA ASN A 75 12.69 -13.35 3.64
C ASN A 75 12.65 -13.94 5.05
N PRO A 76 12.50 -15.26 5.17
CA PRO A 76 12.23 -16.20 4.10
C PRO A 76 10.91 -15.86 3.44
N SER A 77 10.73 -16.15 2.15
CA SER A 77 9.48 -15.80 1.51
C SER A 77 8.33 -16.61 2.10
N ARG A 78 7.13 -16.04 2.01
CA ARG A 78 5.91 -16.68 2.47
C ARG A 78 4.97 -16.84 1.31
N ASN A 79 3.88 -17.56 1.54
N ASN A 79 3.88 -17.57 1.55
CA ASN A 79 2.90 -17.77 0.49
CA ASN A 79 2.86 -17.78 0.53
C ASN A 79 2.23 -16.48 0.04
C ASN A 79 2.30 -16.44 0.06
N GLY A 80 2.40 -16.20 -1.25
CA GLY A 80 1.86 -15.00 -1.84
C GLY A 80 2.68 -13.77 -1.58
N ALA A 81 3.87 -13.92 -0.96
CA ALA A 81 4.64 -12.77 -0.51
C ALA A 81 6.14 -13.07 -0.55
N ASP A 82 6.79 -12.71 -1.66
CA ASP A 82 8.25 -12.65 -1.68
C ASP A 82 8.75 -11.22 -1.76
N THR A 83 7.84 -10.26 -1.92
CA THR A 83 8.19 -8.85 -2.15
C THR A 83 7.11 -7.99 -1.52
N TYR A 84 7.45 -6.76 -1.19
CA TYR A 84 6.40 -5.79 -0.91
C TYR A 84 6.80 -4.44 -1.45
N VAL A 85 5.79 -3.61 -1.66
CA VAL A 85 5.97 -2.19 -1.85
C VAL A 85 5.55 -1.49 -0.58
N GLU A 86 6.35 -0.51 -0.18
CA GLU A 86 6.06 0.29 1.02
C GLU A 86 5.75 1.70 0.58
N ILE A 87 4.56 2.14 0.93
CA ILE A 87 4.08 3.47 0.60
C ILE A 87 4.23 4.35 1.84
N GLY A 88 4.84 5.51 1.67
CA GLY A 88 5.06 6.45 2.75
C GLY A 88 4.70 7.85 2.29
N PHE A 89 5.00 8.82 3.16
CA PHE A 89 4.60 10.20 2.95
C PHE A 89 5.74 11.10 3.30
N THR A 90 5.84 12.23 2.59
CA THR A 90 6.88 13.18 2.90
C THR A 90 6.58 13.98 4.16
N LYS A 91 7.59 14.70 4.62
CA LYS A 91 7.47 15.52 5.81
C LYS A 91 6.36 16.58 5.65
N GLU A 92 6.14 17.03 4.41
CA GLU A 92 5.19 18.09 4.08
C GLU A 92 3.76 17.58 3.86
N ALA A 93 3.56 16.27 3.95
CA ALA A 93 2.22 15.73 3.63
C ALA A 93 1.16 16.18 4.62
N GLY A 94 1.55 16.50 5.84
CA GLY A 94 0.61 17.05 6.81
C GLY A 94 0.05 16.07 7.82
N MET A 95 -0.90 16.55 8.61
N MET A 95 -0.91 16.54 8.59
CA MET A 95 -1.48 15.77 9.68
CA MET A 95 -1.50 15.80 9.68
C MET A 95 -2.83 15.25 9.30
C MET A 95 -2.84 15.24 9.28
N LEU A 96 -3.22 14.12 9.89
CA LEU A 96 -4.62 13.69 9.88
C LEU A 96 -5.12 13.83 11.30
N GLN A 97 -6.17 14.63 11.50
CA GLN A 97 -6.82 14.63 12.80
C GLN A 97 -7.69 13.40 12.91
N PRO A 98 -8.11 13.05 14.14
CA PRO A 98 -9.06 11.94 14.28
C PRO A 98 -10.29 12.17 13.41
N GLY A 99 -10.62 11.15 12.64
CA GLY A 99 -11.75 11.23 11.73
C GLY A 99 -11.38 11.59 10.30
N GLU A 100 -10.17 12.11 10.08
CA GLU A 100 -9.73 12.46 8.75
C GLU A 100 -9.06 11.27 8.08
N SER A 101 -9.01 11.30 6.75
CA SER A 101 -8.41 10.23 6.00
C SER A 101 -7.45 10.79 4.96
N VAL A 102 -6.53 9.93 4.51
CA VAL A 102 -5.69 10.21 3.35
C VAL A 102 -6.05 9.19 2.28
N GLU A 103 -6.08 9.64 1.04
CA GLU A 103 -6.38 8.74 -0.06
C GLU A 103 -5.31 8.88 -1.12
N LEU A 104 -4.98 7.77 -1.79
CA LEU A 104 -3.98 7.82 -2.83
C LEU A 104 -4.30 6.77 -3.88
N ASN A 105 -3.91 7.07 -5.11
CA ASN A 105 -4.01 6.16 -6.20
C ASN A 105 -2.61 5.97 -6.71
N ALA A 106 -2.12 4.76 -6.61
CA ALA A 106 -0.73 4.48 -6.96
C ALA A 106 -0.63 3.18 -7.74
N ARG A 107 0.57 2.87 -8.19
CA ARG A 107 0.76 1.69 -9.02
C ARG A 107 2.22 1.33 -9.02
N PHE A 108 2.52 0.09 -9.41
CA PHE A 108 3.91 -0.26 -9.61
C PHE A 108 4.02 -1.20 -10.80
N SER A 109 5.21 -1.25 -11.38
CA SER A 109 5.44 -2.02 -12.60
C SER A 109 6.89 -2.46 -12.67
N LYS A 110 7.14 -3.41 -13.56
CA LYS A 110 8.52 -3.88 -13.79
C LYS A 110 9.11 -3.14 -14.96
N THR A 111 10.33 -2.64 -14.79
CA THR A 111 10.92 -1.78 -15.82
C THR A 111 11.35 -2.56 -17.06
N ASP A 112 11.43 -3.89 -16.96
CA ASP A 112 11.71 -4.71 -18.15
C ASP A 112 10.44 -5.03 -18.89
N ASN A 113 9.32 -4.49 -18.41
CA ASN A 113 8.01 -4.63 -19.05
C ASN A 113 7.43 -6.04 -19.00
N THR A 114 7.94 -6.87 -18.13
CA THR A 114 7.33 -8.19 -17.91
C THR A 114 6.07 -8.07 -17.07
N GLN A 115 5.30 -9.16 -17.04
CA GLN A 115 3.95 -9.10 -16.45
C GLN A 115 3.88 -9.69 -15.03
N TYR A 116 2.86 -9.29 -14.29
CA TYR A 116 2.57 -9.86 -12.97
C TYR A 116 1.38 -10.77 -13.06
N ASN A 117 1.40 -11.81 -12.22
CA ASN A 117 0.23 -12.62 -11.94
C ASN A 117 -0.28 -12.16 -10.61
N LYS A 118 -1.39 -11.44 -10.63
CA LYS A 118 -1.89 -10.76 -9.45
C LYS A 118 -2.69 -11.63 -8.54
N ALA A 119 -3.28 -12.65 -9.12
CA ALA A 119 -4.26 -13.44 -8.43
C ALA A 119 -3.68 -14.15 -7.22
N ASP A 120 -2.37 -14.43 -7.25
CA ASP A 120 -1.68 -15.21 -6.19
C ASP A 120 -1.06 -14.31 -5.11
N ASP A 121 -1.24 -13.01 -5.21
CA ASP A 121 -0.57 -12.13 -4.26
C ASP A 121 -1.27 -12.05 -2.91
N TYR A 122 -0.50 -12.02 -1.84
CA TYR A 122 -1.03 -12.00 -0.49
C TYR A 122 -1.99 -10.83 -0.29
N SER A 123 -1.65 -9.64 -0.78
CA SER A 123 -2.48 -8.47 -0.53
C SER A 123 -3.58 -8.23 -1.57
N PHE A 124 -3.71 -9.11 -2.57
CA PHE A 124 -4.75 -8.90 -3.57
C PHE A 124 -6.07 -9.42 -3.04
N ASN A 125 -7.13 -8.64 -3.18
CA ASN A 125 -8.43 -9.12 -2.72
C ASN A 125 -9.37 -9.41 -3.90
N SER A 126 -10.59 -9.80 -3.60
CA SER A 126 -11.46 -10.24 -4.68
C SER A 126 -12.71 -9.42 -4.71
N HIS A 127 -12.66 -8.28 -4.04
CA HIS A 127 -13.80 -7.39 -3.96
C HIS A 127 -13.47 -6.22 -4.86
N TYR A 128 -14.14 -6.12 -5.99
CA TYR A 128 -13.75 -5.12 -6.98
C TYR A 128 -14.65 -3.91 -6.89
N TYR A 129 -14.08 -2.75 -7.12
CA TYR A 129 -14.84 -1.52 -7.30
C TYR A 129 -15.59 -1.08 -6.07
N GLU A 130 -15.08 -1.44 -4.91
CA GLU A 130 -15.66 -0.97 -3.69
C GLU A 130 -14.56 -0.89 -2.66
N TYR A 131 -14.49 0.22 -1.93
CA TYR A 131 -13.58 0.30 -0.82
C TYR A 131 -14.05 -0.60 0.27
N VAL A 132 -13.13 -1.45 0.75
CA VAL A 132 -13.43 -2.29 1.90
C VAL A 132 -12.26 -2.24 2.87
N ASP A 133 -12.54 -2.42 4.15
CA ASP A 133 -11.49 -2.65 5.14
C ASP A 133 -10.67 -3.84 4.70
N TRP A 134 -9.34 -3.73 4.72
CA TRP A 134 -8.55 -4.80 4.15
C TRP A 134 -7.33 -5.04 5.02
N ASP A 135 -7.35 -6.18 5.70
CA ASP A 135 -6.33 -6.46 6.70
C ASP A 135 -5.04 -7.07 6.15
N ARG A 136 -4.95 -7.20 4.82
CA ARG A 136 -3.73 -7.73 4.22
C ARG A 136 -2.82 -6.68 3.63
N ILE A 137 -3.17 -5.41 3.84
CA ILE A 137 -2.22 -4.31 3.69
C ILE A 137 -1.96 -3.86 5.11
N THR A 138 -0.69 -3.88 5.51
CA THR A 138 -0.32 -3.46 6.86
C THR A 138 -0.04 -1.96 6.92
N ALA A 139 -0.29 -1.40 8.11
CA ALA A 139 0.03 0.03 8.33
C ALA A 139 0.83 0.15 9.63
N TYR A 140 1.87 0.99 9.58
CA TYR A 140 2.76 1.21 10.69
C TYR A 140 2.82 2.70 10.98
N ILE A 141 2.87 3.08 12.24
CA ILE A 141 3.11 4.47 12.62
C ILE A 141 4.35 4.47 13.46
N SER A 142 5.35 5.24 13.01
CA SER A 142 6.61 5.30 13.71
C SER A 142 7.18 3.88 13.88
N GLY A 143 6.96 3.02 12.90
CA GLY A 143 7.50 1.68 12.92
C GLY A 143 6.67 0.65 13.63
N ILE A 144 5.62 1.09 14.29
CA ILE A 144 4.75 0.26 15.09
C ILE A 144 3.58 -0.26 14.28
N LEU A 145 3.37 -1.57 14.25
CA LEU A 145 2.25 -2.14 13.51
C LEU A 145 0.93 -1.70 14.12
N LYS A 146 0.11 -1.00 13.34
CA LYS A 146 -1.17 -0.51 13.82
C LYS A 146 -2.38 -1.17 13.19
N TRP A 147 -2.22 -1.74 12.00
CA TRP A 147 -3.34 -2.32 11.27
C TRP A 147 -2.82 -3.48 10.46
N GLY A 148 -3.57 -4.57 10.42
CA GLY A 148 -3.33 -5.62 9.45
C GLY A 148 -2.52 -6.81 9.96
N ARG A 149 -2.28 -7.74 9.03
CA ARG A 149 -1.65 -9.01 9.30
C ARG A 149 -0.43 -9.16 8.40
N GLU A 150 0.76 -9.25 8.99
CA GLU A 150 1.94 -9.52 8.18
C GLU A 150 1.87 -10.96 7.68
N PRO A 151 2.41 -11.21 6.47
CA PRO A 151 2.45 -12.59 5.95
C PRO A 151 3.48 -13.42 6.68
CA CA B . 2.27 -12.41 -8.28
#